data_7UE2
#
_entry.id   7UE2
#
_cell.length_a   124.470
_cell.length_b   124.470
_cell.length_c   104.960
_cell.angle_alpha   90.000
_cell.angle_beta   90.000
_cell.angle_gamma   90.000
#
_symmetry.space_group_name_H-M   'I 4 2 2'
#
loop_
_entity.id
_entity.type
_entity.pdbx_description
1 polymer RPB_PLP3_R6
2 polymer 'PLPx6 peptide'
#
loop_
_entity_poly.entity_id
_entity_poly.type
_entity_poly.pdbx_seq_one_letter_code
_entity_poly.pdbx_strand_id
1 'polypeptide(L)'
;MDEEREKLKEKLKEVLRRAKEAKKKGDKEKLIELAYEAAALAAWIIHKDSNDDEIVELAKEALKLVLEAAKEAKKNGDKE
KLIKLAYLAAAVAAWIIHTDGDDDEIVELAKEALKLVLEAAKEAKKNGDKEKLIKLAYLAAAVAAWIITTDGDDDEIVEL
AKEALKLVLEAAKEAKKNGDKEKLIKLAYLAAAVAAWIIHTDGDDDEIVELAKEALKLVLEAAKEAKKNGDKEKLIKLAY
LAAAVAAWIITTDGDDEEIVELAKEALKLVKEAAEEAEKQGDEELREKLRYLSEAVREWIERND
;
A
2 'polypeptide(L)' PLPPLPPLPPLPPLPPLPP B
#
# COMPACT_ATOMS: atom_id res chain seq x y z
N MET A 1 5.42 -6.99 -33.86
CA MET A 1 5.19 -7.14 -32.43
C MET A 1 6.02 -6.18 -31.59
N ASP A 2 6.13 -6.48 -30.31
CA ASP A 2 6.94 -5.70 -29.37
C ASP A 2 8.21 -6.50 -29.10
N GLU A 3 9.29 -6.12 -29.79
CA GLU A 3 10.56 -6.83 -29.63
C GLU A 3 11.04 -6.78 -28.19
N GLU A 4 10.74 -5.70 -27.47
CA GLU A 4 11.21 -5.57 -26.08
C GLU A 4 10.49 -6.54 -25.16
N ARG A 5 9.19 -6.76 -25.38
CA ARG A 5 8.47 -7.81 -24.64
C ARG A 5 9.16 -9.16 -24.82
N GLU A 6 9.48 -9.52 -26.06
CA GLU A 6 10.07 -10.83 -26.34
C GLU A 6 11.43 -10.96 -25.67
N LYS A 7 12.29 -9.94 -25.81
CA LYS A 7 13.61 -9.99 -25.20
C LYS A 7 13.53 -10.06 -23.68
N LEU A 8 12.69 -9.20 -23.08
CA LEU A 8 12.49 -9.28 -21.63
C LEU A 8 11.94 -10.65 -21.24
N LYS A 9 11.11 -11.25 -22.08
CA LYS A 9 10.54 -12.56 -21.77
C LYS A 9 11.63 -13.63 -21.73
N GLU A 10 12.44 -13.72 -22.78
CA GLU A 10 13.48 -14.75 -22.82
C GLU A 10 14.63 -14.42 -21.87
N LYS A 11 14.87 -13.14 -21.61
CA LYS A 11 15.92 -12.76 -20.65
C LYS A 11 15.51 -13.16 -19.24
N LEU A 12 14.25 -12.91 -18.86
CA LEU A 12 13.78 -13.32 -17.54
C LEU A 12 13.71 -14.84 -17.43
N LYS A 13 13.30 -15.51 -18.52
CA LYS A 13 13.28 -16.97 -18.50
C LYS A 13 14.69 -17.54 -18.39
N GLU A 14 15.69 -16.84 -18.94
CA GLU A 14 17.09 -17.22 -18.73
C GLU A 14 17.45 -17.18 -17.26
N VAL A 15 17.16 -16.05 -16.60
CA VAL A 15 17.57 -15.85 -15.21
C VAL A 15 16.96 -16.91 -14.31
N LEU A 16 15.71 -17.28 -14.58
CA LEU A 16 15.06 -18.32 -13.77
C LEU A 16 15.73 -19.68 -13.98
N ARG A 17 16.20 -19.94 -15.21
CA ARG A 17 16.93 -21.17 -15.48
C ARG A 17 18.25 -21.20 -14.71
N ARG A 18 19.04 -20.13 -14.82
CA ARG A 18 20.30 -20.04 -14.08
C ARG A 18 20.07 -20.11 -12.58
N ALA A 19 19.01 -19.46 -12.09
CA ALA A 19 18.73 -19.49 -10.66
C ALA A 19 18.38 -20.89 -10.19
N LYS A 20 17.59 -21.62 -10.97
CA LYS A 20 17.25 -22.99 -10.63
C LYS A 20 18.48 -23.90 -10.72
N GLU A 21 19.47 -23.51 -11.53
CA GLU A 21 20.74 -24.23 -11.58
C GLU A 21 21.61 -23.93 -10.36
N ALA A 22 21.71 -22.64 -9.99
CA ALA A 22 22.52 -22.27 -8.84
C ALA A 22 21.93 -22.81 -7.55
N LYS A 23 20.60 -22.86 -7.46
CA LYS A 23 19.95 -23.48 -6.30
C LYS A 23 20.29 -24.97 -6.23
N LYS A 24 20.18 -25.66 -7.37
CA LYS A 24 20.53 -27.07 -7.42
C LYS A 24 22.02 -27.28 -7.11
N LYS A 25 22.87 -26.39 -7.62
CA LYS A 25 24.31 -26.59 -7.47
C LYS A 25 24.76 -26.33 -6.03
N GLY A 26 24.26 -25.25 -5.42
CA GLY A 26 24.53 -25.03 -4.01
C GLY A 26 25.05 -23.65 -3.65
N ASP A 27 25.29 -22.78 -4.64
CA ASP A 27 25.77 -21.44 -4.36
C ASP A 27 24.60 -20.51 -4.09
N LYS A 28 24.67 -19.78 -2.98
CA LYS A 28 23.56 -18.95 -2.52
C LYS A 28 23.69 -17.49 -2.92
N GLU A 29 24.92 -16.96 -2.99
CA GLU A 29 25.08 -15.53 -3.24
C GLU A 29 24.72 -15.18 -4.68
N LYS A 30 25.03 -16.08 -5.63
CA LYS A 30 24.56 -15.87 -6.99
C LYS A 30 23.04 -15.98 -7.08
N LEU A 31 22.44 -16.84 -6.25
CA LEU A 31 20.98 -16.95 -6.24
C LEU A 31 20.33 -15.67 -5.76
N ILE A 32 21.00 -14.93 -4.86
CA ILE A 32 20.48 -13.62 -4.46
C ILE A 32 20.65 -12.61 -5.59
N GLU A 33 21.82 -12.62 -6.24
CA GLU A 33 22.03 -11.75 -7.40
C GLU A 33 20.98 -12.01 -8.47
N LEU A 34 20.77 -13.28 -8.81
CA LEU A 34 19.77 -13.62 -9.83
C LEU A 34 18.37 -13.24 -9.40
N ALA A 35 18.11 -13.22 -8.09
CA ALA A 35 16.82 -12.75 -7.60
C ALA A 35 16.67 -11.25 -7.82
N TYR A 36 17.74 -10.49 -7.60
CA TYR A 36 17.70 -9.06 -7.91
C TYR A 36 17.34 -8.82 -9.36
N GLU A 37 18.01 -9.53 -10.27
CA GLU A 37 17.79 -9.33 -11.70
C GLU A 37 16.40 -9.81 -12.11
N ALA A 38 15.92 -10.90 -11.52
CA ALA A 38 14.58 -11.38 -11.85
C ALA A 38 13.50 -10.38 -11.45
N ALA A 39 13.67 -9.74 -10.29
CA ALA A 39 12.68 -8.77 -9.82
C ALA A 39 12.63 -7.55 -10.74
N ALA A 40 13.80 -7.01 -11.10
CA ALA A 40 13.80 -5.84 -11.97
C ALA A 40 13.22 -6.17 -13.34
N LEU A 41 13.54 -7.36 -13.87
CA LEU A 41 12.95 -7.79 -15.14
C LEU A 41 11.44 -7.97 -15.01
N ALA A 42 10.99 -8.55 -13.89
CA ALA A 42 9.57 -8.81 -13.73
C ALA A 42 8.78 -7.51 -13.57
N ALA A 43 9.22 -6.63 -12.67
CA ALA A 43 8.47 -5.40 -12.42
C ALA A 43 8.42 -4.51 -13.65
N TRP A 44 9.44 -4.56 -14.51
CA TRP A 44 9.43 -3.75 -15.71
C TRP A 44 8.60 -4.39 -16.82
N ILE A 45 8.67 -5.73 -16.95
CA ILE A 45 7.92 -6.38 -18.03
C ILE A 45 6.42 -6.25 -17.82
N ILE A 46 5.97 -5.93 -16.60
CA ILE A 46 4.57 -5.69 -16.32
C ILE A 46 4.32 -4.24 -15.91
N HIS A 47 5.21 -3.33 -16.31
CA HIS A 47 5.05 -1.93 -15.93
C HIS A 47 3.82 -1.29 -16.56
N LYS A 48 3.25 -1.91 -17.59
CA LYS A 48 1.95 -1.48 -18.12
C LYS A 48 1.11 -2.73 -18.37
N ASP A 49 -0.18 -2.49 -18.61
CA ASP A 49 -1.15 -3.58 -18.71
C ASP A 49 -0.88 -4.42 -19.96
N SER A 50 -0.64 -5.71 -19.76
CA SER A 50 -0.40 -6.65 -20.85
C SER A 50 -1.44 -7.77 -20.80
N ASN A 51 -1.76 -8.29 -21.98
CA ASN A 51 -2.77 -9.34 -22.10
C ASN A 51 -2.20 -10.75 -22.14
N ASP A 52 -0.90 -10.89 -22.44
CA ASP A 52 -0.30 -12.20 -22.53
C ASP A 52 -0.18 -12.83 -21.15
N ASP A 53 -0.67 -14.07 -21.02
CA ASP A 53 -0.59 -14.79 -19.76
C ASP A 53 0.83 -15.27 -19.45
N GLU A 54 1.64 -15.50 -20.48
CA GLU A 54 3.02 -15.93 -20.23
C GLU A 54 3.80 -14.85 -19.49
N ILE A 55 3.46 -13.58 -19.70
CA ILE A 55 4.17 -12.50 -19.02
C ILE A 55 3.90 -12.55 -17.52
N VAL A 56 2.65 -12.81 -17.14
CA VAL A 56 2.32 -12.77 -15.71
C VAL A 56 2.85 -14.00 -14.99
N GLU A 57 3.01 -15.14 -15.67
CA GLU A 57 3.56 -16.31 -15.00
C GLU A 57 5.02 -16.11 -14.66
N LEU A 58 5.82 -15.61 -15.61
CA LEU A 58 7.22 -15.33 -15.33
C LEU A 58 7.37 -14.36 -14.18
N ALA A 59 6.47 -13.38 -14.08
CA ALA A 59 6.50 -12.46 -12.96
C ALA A 59 6.24 -13.19 -11.64
N LYS A 60 5.26 -14.11 -11.63
CA LYS A 60 4.97 -14.86 -10.41
C LYS A 60 6.11 -15.80 -10.06
N GLU A 61 6.71 -16.45 -11.06
CA GLU A 61 7.85 -17.31 -10.80
C GLU A 61 9.06 -16.50 -10.35
N ALA A 62 9.21 -15.27 -10.85
CA ALA A 62 10.26 -14.39 -10.35
C ALA A 62 10.02 -14.03 -8.89
N LEU A 63 8.77 -13.73 -8.54
CA LEU A 63 8.44 -13.46 -7.14
C LEU A 63 8.77 -14.67 -6.28
N LYS A 64 8.36 -15.86 -6.72
CA LYS A 64 8.69 -17.08 -5.99
C LYS A 64 10.20 -17.22 -5.82
N LEU A 65 10.98 -16.79 -6.81
CA LEU A 65 12.44 -16.81 -6.68
C LEU A 65 12.91 -15.82 -5.62
N VAL A 66 12.30 -14.63 -5.56
CA VAL A 66 12.69 -13.65 -4.56
C VAL A 66 12.38 -14.16 -3.16
N LEU A 67 11.24 -14.82 -2.99
CA LEU A 67 10.90 -15.37 -1.68
C LEU A 67 11.83 -16.50 -1.30
N GLU A 68 12.19 -17.36 -2.25
CA GLU A 68 13.16 -18.41 -1.97
C GLU A 68 14.51 -17.82 -1.60
N ALA A 69 14.96 -16.81 -2.35
CA ALA A 69 16.20 -16.12 -1.99
C ALA A 69 16.11 -15.38 -0.67
N ALA A 70 14.89 -15.02 -0.24
CA ALA A 70 14.76 -14.30 1.03
C ALA A 70 14.89 -15.23 2.22
N LYS A 71 14.38 -16.46 2.12
CA LYS A 71 14.46 -17.38 3.25
C LYS A 71 15.84 -18.00 3.40
N GLU A 72 16.62 -18.07 2.33
CA GLU A 72 18.01 -18.50 2.48
C GLU A 72 18.87 -17.38 3.04
N ALA A 73 18.60 -16.13 2.64
CA ALA A 73 19.40 -15.02 3.14
C ALA A 73 19.15 -14.76 4.62
N LYS A 74 17.95 -15.08 5.12
CA LYS A 74 17.69 -14.91 6.55
C LYS A 74 18.48 -15.91 7.38
N LYS A 75 18.66 -17.13 6.87
CA LYS A 75 19.42 -18.14 7.61
C LYS A 75 20.91 -17.85 7.59
N ASN A 76 21.43 -17.26 6.50
CA ASN A 76 22.83 -16.85 6.48
C ASN A 76 23.11 -15.65 7.36
N GLY A 77 22.08 -14.88 7.70
CA GLY A 77 22.22 -13.82 8.68
C GLY A 77 22.63 -12.46 8.15
N ASP A 78 22.38 -12.17 6.87
CA ASP A 78 22.69 -10.87 6.28
C ASP A 78 21.43 -10.03 6.29
N LYS A 79 21.38 -9.06 7.21
CA LYS A 79 20.16 -8.28 7.40
C LYS A 79 19.87 -7.38 6.21
N GLU A 80 20.91 -6.80 5.60
CA GLU A 80 20.69 -5.79 4.57
C GLU A 80 20.20 -6.42 3.27
N LYS A 81 20.71 -7.61 2.92
CA LYS A 81 20.17 -8.30 1.76
C LYS A 81 18.76 -8.80 2.00
N LEU A 82 18.42 -9.12 3.26
CA LEU A 82 17.06 -9.52 3.57
C LEU A 82 16.08 -8.36 3.39
N ILE A 83 16.49 -7.16 3.79
CA ILE A 83 15.62 -5.99 3.63
C ILE A 83 15.40 -5.68 2.16
N LYS A 84 16.46 -5.74 1.35
CA LYS A 84 16.31 -5.47 -0.07
C LYS A 84 15.41 -6.51 -0.74
N LEU A 85 15.62 -7.79 -0.41
CA LEU A 85 14.76 -8.83 -0.97
C LEU A 85 13.31 -8.63 -0.54
N ALA A 86 13.09 -8.20 0.70
CA ALA A 86 11.73 -7.91 1.14
C ALA A 86 11.13 -6.76 0.35
N TYR A 87 11.91 -5.70 0.11
CA TYR A 87 11.47 -4.62 -0.77
C TYR A 87 11.07 -5.15 -2.13
N LEU A 88 11.94 -5.97 -2.74
CA LEU A 88 11.67 -6.46 -4.08
C LEU A 88 10.42 -7.33 -4.11
N ALA A 89 10.25 -8.19 -3.11
CA ALA A 89 9.11 -9.10 -3.11
C ALA A 89 7.79 -8.35 -3.12
N ALA A 90 7.64 -7.34 -2.25
CA ALA A 90 6.39 -6.59 -2.18
C ALA A 90 6.18 -5.76 -3.43
N ALA A 91 7.23 -5.10 -3.92
CA ALA A 91 7.11 -4.30 -5.13
C ALA A 91 6.65 -5.16 -6.30
N VAL A 92 7.31 -6.29 -6.52
CA VAL A 92 6.91 -7.19 -7.59
C VAL A 92 5.48 -7.68 -7.36
N ALA A 93 5.15 -8.03 -6.12
CA ALA A 93 3.78 -8.46 -5.81
C ALA A 93 2.77 -7.41 -6.22
N ALA A 94 2.95 -6.17 -5.77
CA ALA A 94 1.95 -5.14 -6.03
C ALA A 94 1.87 -4.76 -7.50
N TRP A 95 2.96 -4.91 -8.26
CA TRP A 95 2.87 -4.69 -9.70
C TRP A 95 2.15 -5.83 -10.41
N ILE A 96 2.35 -7.07 -9.96
CA ILE A 96 1.54 -8.17 -10.49
C ILE A 96 0.07 -7.95 -10.19
N ILE A 97 -0.21 -7.43 -8.99
CA ILE A 97 -1.59 -7.10 -8.61
C ILE A 97 -2.16 -6.02 -9.54
N HIS A 98 -1.35 -5.00 -9.85
CA HIS A 98 -1.85 -3.88 -10.63
C HIS A 98 -2.19 -4.30 -12.06
N THR A 99 -1.41 -5.19 -12.64
CA THR A 99 -1.56 -5.56 -14.05
C THR A 99 -2.61 -6.65 -14.25
N ASP A 100 -2.41 -7.80 -13.60
CA ASP A 100 -3.32 -8.92 -13.80
C ASP A 100 -4.59 -8.82 -12.98
N GLY A 101 -4.64 -7.93 -11.99
CA GLY A 101 -5.82 -7.82 -11.16
C GLY A 101 -5.93 -8.94 -10.17
N ASP A 102 -6.75 -9.94 -10.48
CA ASP A 102 -6.99 -11.06 -9.57
C ASP A 102 -6.88 -12.38 -10.33
N ASP A 103 -5.81 -13.13 -10.05
CA ASP A 103 -5.76 -14.55 -10.34
C ASP A 103 -5.65 -15.29 -9.01
N ASP A 104 -5.40 -16.59 -9.08
CA ASP A 104 -5.61 -17.43 -7.91
C ASP A 104 -4.41 -17.50 -6.97
N GLU A 105 -3.20 -17.64 -7.49
CA GLU A 105 -2.06 -17.86 -6.61
C GLU A 105 -1.38 -16.56 -6.16
N ILE A 106 -1.83 -15.40 -6.66
CA ILE A 106 -1.20 -14.16 -6.21
C ILE A 106 -1.60 -13.83 -4.77
N VAL A 107 -2.72 -14.36 -4.29
CA VAL A 107 -3.15 -14.07 -2.93
C VAL A 107 -2.15 -14.65 -1.93
N GLU A 108 -1.78 -15.92 -2.10
CA GLU A 108 -0.85 -16.54 -1.16
C GLU A 108 0.56 -15.99 -1.34
N LEU A 109 0.94 -15.62 -2.56
CA LEU A 109 2.27 -15.06 -2.78
C LEU A 109 2.37 -13.65 -2.21
N ALA A 110 1.34 -12.81 -2.43
CA ALA A 110 1.35 -11.47 -1.85
C ALA A 110 1.28 -11.52 -0.34
N LYS A 111 0.55 -12.49 0.22
CA LYS A 111 0.51 -12.63 1.67
C LYS A 111 1.88 -12.96 2.24
N GLU A 112 2.62 -13.84 1.56
CA GLU A 112 3.97 -14.18 2.00
C GLU A 112 4.91 -12.97 1.88
N ALA A 113 4.75 -12.19 0.80
CA ALA A 113 5.58 -10.99 0.65
C ALA A 113 5.22 -9.92 1.67
N LEU A 114 3.96 -9.86 2.09
CA LEU A 114 3.55 -8.89 3.10
C LEU A 114 4.17 -9.22 4.46
N LYS A 115 4.13 -10.48 4.87
CA LYS A 115 4.78 -10.85 6.13
C LYS A 115 6.28 -10.58 6.07
N LEU A 116 6.89 -10.75 4.90
CA LEU A 116 8.33 -10.53 4.78
C LEU A 116 8.68 -9.07 4.98
N VAL A 117 7.86 -8.16 4.44
CA VAL A 117 8.16 -6.74 4.54
C VAL A 117 7.95 -6.24 5.96
N LEU A 118 6.91 -6.74 6.63
CA LEU A 118 6.66 -6.35 8.01
C LEU A 118 7.84 -6.73 8.91
N GLU A 119 8.47 -7.87 8.63
CA GLU A 119 9.68 -8.26 9.36
C GLU A 119 10.84 -7.33 9.03
N ALA A 120 11.05 -7.05 7.73
CA ALA A 120 12.14 -6.19 7.33
C ALA A 120 11.99 -4.79 7.90
N ALA A 121 10.76 -4.28 7.94
CA ALA A 121 10.53 -2.95 8.49
C ALA A 121 10.85 -2.90 9.97
N LYS A 122 10.52 -3.97 10.70
CA LYS A 122 10.97 -4.06 12.09
C LYS A 122 12.49 -4.12 12.17
N GLU A 123 13.11 -4.88 11.26
CA GLU A 123 14.57 -4.97 11.25
C GLU A 123 15.21 -3.69 10.75
N ALA A 124 14.53 -2.96 9.86
CA ALA A 124 15.05 -1.67 9.41
C ALA A 124 14.99 -0.62 10.51
N LYS A 125 13.98 -0.70 11.38
CA LYS A 125 13.95 0.17 12.55
C LYS A 125 15.09 -0.13 13.50
N LYS A 126 15.43 -1.42 13.64
CA LYS A 126 16.57 -1.81 14.48
C LYS A 126 17.87 -1.21 13.94
N ASN A 127 18.03 -1.18 12.62
CA ASN A 127 19.24 -0.59 12.04
C ASN A 127 19.19 0.94 12.11
N GLY A 128 18.01 1.51 11.95
CA GLY A 128 17.81 2.94 12.07
C GLY A 128 17.77 3.73 10.77
N ASP A 129 17.51 3.08 9.64
CA ASP A 129 17.46 3.78 8.36
C ASP A 129 16.04 4.22 8.09
N LYS A 130 15.85 5.51 7.86
CA LYS A 130 14.51 6.05 7.71
C LYS A 130 13.99 5.92 6.27
N GLU A 131 14.89 6.01 5.29
CA GLU A 131 14.48 5.87 3.89
C GLU A 131 13.87 4.49 3.62
N LYS A 132 14.57 3.45 4.04
CA LYS A 132 14.06 2.09 3.83
C LYS A 132 12.79 1.83 4.65
N LEU A 133 12.67 2.44 5.83
CA LEU A 133 11.48 2.25 6.65
C LEU A 133 10.25 2.78 5.93
N ILE A 134 10.34 3.96 5.33
CA ILE A 134 9.21 4.55 4.63
C ILE A 134 8.82 3.69 3.43
N LYS A 135 9.81 3.29 2.62
CA LYS A 135 9.50 2.51 1.43
C LYS A 135 8.87 1.17 1.79
N LEU A 136 9.40 0.51 2.83
CA LEU A 136 8.82 -0.77 3.24
C LEU A 136 7.41 -0.59 3.77
N ALA A 137 7.16 0.49 4.53
CA ALA A 137 5.81 0.75 5.02
C ALA A 137 4.86 1.10 3.88
N TYR A 138 5.34 1.85 2.89
CA TYR A 138 4.54 2.13 1.71
C TYR A 138 4.10 0.84 1.03
N LEU A 139 5.03 -0.10 0.86
CA LEU A 139 4.70 -1.35 0.18
C LEU A 139 3.74 -2.18 1.02
N ALA A 140 4.00 -2.28 2.32
CA ALA A 140 3.12 -3.06 3.20
C ALA A 140 1.69 -2.56 3.13
N ALA A 141 1.50 -1.23 3.17
CA ALA A 141 0.15 -0.68 3.13
C ALA A 141 -0.48 -0.86 1.75
N ALA A 142 0.31 -0.65 0.68
CA ALA A 142 -0.22 -0.85 -0.67
C ALA A 142 -0.66 -2.30 -0.87
N VAL A 143 0.14 -3.26 -0.40
CA VAL A 143 -0.21 -4.66 -0.56
C VAL A 143 -1.37 -5.03 0.35
N ALA A 144 -1.31 -4.61 1.62
CA ALA A 144 -2.39 -4.93 2.55
C ALA A 144 -3.71 -4.34 2.09
N ALA A 145 -3.67 -3.12 1.53
CA ALA A 145 -4.90 -2.51 1.02
C ALA A 145 -5.58 -3.39 -0.01
N TRP A 146 -4.80 -3.99 -0.91
CA TRP A 146 -5.39 -4.84 -1.93
C TRP A 146 -5.89 -6.16 -1.36
N ILE A 147 -5.08 -6.80 -0.52
CA ILE A 147 -5.42 -8.14 -0.05
C ILE A 147 -6.74 -8.13 0.71
N ILE A 148 -6.97 -7.11 1.52
CA ILE A 148 -8.21 -7.06 2.28
C ILE A 148 -9.42 -6.82 1.37
N THR A 149 -9.20 -6.22 0.19
CA THR A 149 -10.30 -6.05 -0.76
C THR A 149 -10.71 -7.39 -1.37
N THR A 150 -9.74 -8.11 -1.93
CA THR A 150 -10.05 -9.31 -2.69
C THR A 150 -10.22 -10.53 -1.81
N ASP A 151 -9.52 -10.59 -0.68
CA ASP A 151 -9.68 -11.73 0.22
C ASP A 151 -10.64 -11.36 1.33
N GLY A 152 -10.15 -10.73 2.40
CA GLY A 152 -11.01 -10.22 3.44
C GLY A 152 -11.50 -11.26 4.43
N ASP A 153 -11.88 -12.44 3.94
CA ASP A 153 -12.40 -13.47 4.82
C ASP A 153 -11.31 -14.16 5.62
N ASP A 154 -10.08 -14.18 5.11
CA ASP A 154 -8.98 -14.85 5.81
C ASP A 154 -8.70 -14.16 7.14
N ASP A 155 -8.45 -14.95 8.17
CA ASP A 155 -8.22 -14.40 9.50
C ASP A 155 -6.87 -13.72 9.61
N GLU A 156 -5.86 -14.23 8.90
CA GLU A 156 -4.53 -13.66 8.99
C GLU A 156 -4.44 -12.28 8.35
N ILE A 157 -5.34 -11.97 7.40
CA ILE A 157 -5.25 -10.71 6.69
C ILE A 157 -5.54 -9.54 7.62
N VAL A 158 -6.41 -9.75 8.60
CA VAL A 158 -6.74 -8.69 9.55
C VAL A 158 -5.49 -8.24 10.28
N GLU A 159 -4.78 -9.19 10.89
CA GLU A 159 -3.59 -8.86 11.67
C GLU A 159 -2.53 -8.20 10.81
N LEU A 160 -2.34 -8.69 9.57
CA LEU A 160 -1.32 -8.13 8.70
C LEU A 160 -1.67 -6.71 8.27
N ALA A 161 -2.95 -6.44 8.03
CA ALA A 161 -3.36 -5.08 7.69
C ALA A 161 -3.21 -4.15 8.88
N LYS A 162 -3.57 -4.62 10.08
CA LYS A 162 -3.38 -3.83 11.29
C LYS A 162 -1.91 -3.53 11.52
N GLU A 163 -1.04 -4.52 11.30
CA GLU A 163 0.40 -4.28 11.44
C GLU A 163 0.91 -3.33 10.37
N ALA A 164 0.35 -3.42 9.16
CA ALA A 164 0.74 -2.51 8.08
C ALA A 164 0.29 -1.08 8.39
N LEU A 165 -0.96 -0.93 8.86
CA LEU A 165 -1.45 0.39 9.25
C LEU A 165 -0.59 0.99 10.35
N LYS A 166 -0.34 0.21 11.41
CA LYS A 166 0.54 0.65 12.48
C LYS A 166 1.93 1.01 11.94
N LEU A 167 2.37 0.32 10.90
CA LEU A 167 3.70 0.56 10.35
C LEU A 167 3.76 1.86 9.55
N VAL A 168 2.76 2.08 8.69
CA VAL A 168 2.78 3.28 7.86
C VAL A 168 2.55 4.52 8.71
N LEU A 169 1.83 4.40 9.83
CA LEU A 169 1.65 5.54 10.72
C LEU A 169 2.97 5.96 11.35
N GLU A 170 3.81 4.99 11.72
CA GLU A 170 5.13 5.32 12.24
C GLU A 170 6.02 5.90 11.16
N ALA A 171 5.95 5.35 9.95
CA ALA A 171 6.73 5.89 8.84
C ALA A 171 6.27 7.28 8.45
N ALA A 172 4.97 7.58 8.59
CA ALA A 172 4.49 8.93 8.31
C ALA A 172 4.93 9.92 9.38
N LYS A 173 5.29 9.44 10.57
CA LYS A 173 5.75 10.36 11.60
C LYS A 173 7.21 10.73 11.40
N GLU A 174 8.04 9.78 10.97
CA GLU A 174 9.44 10.10 10.67
C GLU A 174 9.57 10.84 9.35
N ALA A 175 8.66 10.62 8.40
CA ALA A 175 8.67 11.41 7.18
C ALA A 175 8.33 12.87 7.47
N LYS A 176 7.49 13.11 8.48
CA LYS A 176 7.23 14.47 8.93
C LYS A 176 8.47 15.08 9.56
N LYS A 177 9.30 14.28 10.22
CA LYS A 177 10.51 14.77 10.86
C LYS A 177 11.66 14.95 9.88
N ASN A 178 11.61 14.29 8.73
CA ASN A 178 12.64 14.50 7.72
C ASN A 178 12.46 15.84 7.02
N GLY A 179 11.28 16.08 6.46
CA GLY A 179 11.01 17.32 5.78
C GLY A 179 10.18 17.15 4.53
N ASP A 180 10.36 16.03 3.83
CA ASP A 180 9.62 15.78 2.60
C ASP A 180 8.14 15.58 2.91
N LYS A 181 7.29 16.42 2.32
CA LYS A 181 5.86 16.37 2.55
C LYS A 181 5.10 15.53 1.53
N GLU A 182 5.62 15.44 0.30
CA GLU A 182 4.96 14.60 -0.70
C GLU A 182 4.92 13.14 -0.26
N LYS A 183 5.98 12.69 0.41
CA LYS A 183 5.99 11.31 0.90
C LYS A 183 5.03 11.15 2.07
N LEU A 184 4.90 12.17 2.92
CA LEU A 184 3.92 12.14 3.99
C LEU A 184 2.51 12.00 3.45
N ILE A 185 2.20 12.75 2.38
CA ILE A 185 0.85 12.71 1.82
C ILE A 185 0.50 11.32 1.33
N LYS A 186 1.42 10.68 0.61
CA LYS A 186 1.17 9.34 0.11
C LYS A 186 1.05 8.33 1.24
N LEU A 187 1.82 8.51 2.31
CA LEU A 187 1.69 7.62 3.46
C LEU A 187 0.35 7.82 4.16
N ALA A 188 -0.11 9.07 4.25
CA ALA A 188 -1.42 9.33 4.83
C ALA A 188 -2.53 8.74 3.98
N TYR A 189 -2.42 8.85 2.65
CA TYR A 189 -3.35 8.18 1.74
C TYR A 189 -3.49 6.70 2.09
N LEU A 190 -2.36 6.01 2.20
CA LEU A 190 -2.37 4.60 2.53
C LEU A 190 -2.95 4.35 3.92
N ALA A 191 -2.61 5.22 4.88
CA ALA A 191 -3.11 5.05 6.23
C ALA A 191 -4.64 5.09 6.26
N ALA A 192 -5.23 6.03 5.52
CA ALA A 192 -6.69 6.14 5.50
C ALA A 192 -7.32 4.97 4.75
N ALA A 193 -6.80 4.64 3.57
CA ALA A 193 -7.35 3.55 2.77
C ALA A 193 -7.35 2.24 3.55
N VAL A 194 -6.24 1.92 4.21
CA VAL A 194 -6.18 0.68 4.99
C VAL A 194 -7.12 0.76 6.18
N ALA A 195 -7.09 1.88 6.91
CA ALA A 195 -7.98 2.02 8.07
C ALA A 195 -9.44 1.87 7.68
N ALA A 196 -9.83 2.43 6.53
CA ALA A 196 -11.21 2.33 6.09
C ALA A 196 -11.57 0.90 5.73
N TRP A 197 -10.68 0.18 5.05
CA TRP A 197 -10.95 -1.21 4.71
C TRP A 197 -11.00 -2.11 5.93
N ILE A 198 -10.17 -1.85 6.94
CA ILE A 198 -10.20 -2.68 8.14
C ILE A 198 -11.55 -2.56 8.84
N ILE A 199 -12.04 -1.33 9.03
CA ILE A 199 -13.35 -1.16 9.64
C ILE A 199 -14.43 -1.71 8.72
N HIS A 200 -14.23 -1.61 7.40
CA HIS A 200 -15.19 -2.12 6.43
C HIS A 200 -15.37 -3.63 6.56
N THR A 201 -14.26 -4.37 6.48
CA THR A 201 -14.36 -5.83 6.35
C THR A 201 -14.51 -6.53 7.70
N ASP A 202 -13.90 -6.00 8.75
CA ASP A 202 -13.73 -6.74 9.99
C ASP A 202 -14.36 -6.07 11.21
N GLY A 203 -14.95 -4.89 11.04
CA GLY A 203 -15.57 -4.22 12.17
C GLY A 203 -14.55 -3.46 13.01
N ASP A 204 -14.85 -3.33 14.31
CA ASP A 204 -13.98 -2.60 15.22
C ASP A 204 -13.52 -3.50 16.37
N ASP A 205 -12.39 -3.10 16.95
CA ASP A 205 -11.97 -3.57 18.26
C ASP A 205 -11.37 -2.37 18.99
N ASP A 206 -10.67 -2.62 20.09
CA ASP A 206 -10.06 -1.52 20.81
C ASP A 206 -8.92 -0.89 20.01
N GLU A 207 -8.16 -1.71 19.28
CA GLU A 207 -6.97 -1.26 18.57
C GLU A 207 -7.29 -0.62 17.22
N ILE A 208 -8.27 -1.16 16.49
CA ILE A 208 -8.62 -0.59 15.19
C ILE A 208 -9.12 0.84 15.34
N VAL A 209 -9.95 1.09 16.35
CA VAL A 209 -10.47 2.44 16.56
C VAL A 209 -9.34 3.41 16.87
N GLU A 210 -8.38 2.98 17.67
CA GLU A 210 -7.26 3.86 18.00
C GLU A 210 -6.39 4.15 16.78
N LEU A 211 -6.10 3.12 15.97
CA LEU A 211 -5.30 3.32 14.76
C LEU A 211 -6.03 4.21 13.76
N ALA A 212 -7.33 3.99 13.58
CA ALA A 212 -8.09 4.79 12.63
C ALA A 212 -8.10 6.27 13.02
N LYS A 213 -8.18 6.55 14.32
CA LYS A 213 -8.07 7.93 14.79
C LYS A 213 -6.75 8.55 14.38
N GLU A 214 -5.66 7.81 14.55
CA GLU A 214 -4.35 8.31 14.16
C GLU A 214 -4.26 8.52 12.66
N ALA A 215 -4.82 7.59 11.88
CA ALA A 215 -4.83 7.77 10.43
C ALA A 215 -5.72 8.93 10.03
N LEU A 216 -6.79 9.21 10.79
CA LEU A 216 -7.65 10.33 10.47
C LEU A 216 -6.96 11.66 10.73
N LYS A 217 -6.35 11.83 11.90
CA LYS A 217 -5.61 13.05 12.16
C LYS A 217 -4.42 13.20 11.21
N LEU A 218 -3.88 12.07 10.74
CA LEU A 218 -2.77 12.12 9.80
C LEU A 218 -3.21 12.71 8.45
N VAL A 219 -4.33 12.23 7.92
CA VAL A 219 -4.78 12.73 6.61
C VAL A 219 -5.29 14.15 6.72
N LEU A 220 -5.78 14.56 7.89
CA LEU A 220 -6.18 15.95 8.07
C LEU A 220 -4.98 16.87 7.98
N GLU A 221 -3.86 16.50 8.61
CA GLU A 221 -2.66 17.31 8.51
C GLU A 221 -2.04 17.22 7.11
N ALA A 222 -2.18 16.06 6.46
CA ALA A 222 -1.68 15.92 5.10
C ALA A 222 -2.47 16.78 4.13
N ALA A 223 -3.80 16.76 4.23
CA ALA A 223 -4.61 17.63 3.40
C ALA A 223 -4.40 19.10 3.73
N LYS A 224 -3.93 19.40 4.95
CA LYS A 224 -3.56 20.78 5.27
C LYS A 224 -2.29 21.18 4.53
N GLU A 225 -1.35 20.24 4.38
CA GLU A 225 -0.15 20.52 3.58
C GLU A 225 -0.46 20.54 2.09
N ALA A 226 -1.43 19.73 1.64
CA ALA A 226 -1.80 19.74 0.23
C ALA A 226 -2.43 21.06 -0.18
N LYS A 227 -3.17 21.70 0.74
CA LYS A 227 -3.72 23.02 0.45
C LYS A 227 -2.62 24.07 0.38
N LYS A 228 -1.54 23.89 1.14
CA LYS A 228 -0.43 24.84 1.08
C LYS A 228 0.33 24.70 -0.23
N ASN A 229 0.53 23.47 -0.70
CA ASN A 229 1.20 23.26 -1.99
C ASN A 229 0.31 23.62 -3.18
N GLY A 230 -0.93 24.03 -2.94
CA GLY A 230 -1.80 24.48 -4.01
C GLY A 230 -2.20 23.42 -5.00
N ASP A 231 -2.27 22.16 -4.58
CA ASP A 231 -2.62 21.05 -5.46
C ASP A 231 -4.09 20.70 -5.23
N LYS A 232 -4.94 21.02 -6.22
CA LYS A 232 -6.37 20.73 -6.08
C LYS A 232 -6.64 19.23 -6.14
N GLU A 233 -5.90 18.50 -6.97
CA GLU A 233 -6.25 17.11 -7.26
C GLU A 233 -6.04 16.21 -6.05
N LYS A 234 -4.86 16.27 -5.43
CA LYS A 234 -4.62 15.44 -4.26
C LYS A 234 -5.44 15.92 -3.06
N LEU A 235 -5.81 17.19 -3.03
CA LEU A 235 -6.59 17.72 -1.91
C LEU A 235 -7.96 17.08 -1.83
N ILE A 236 -8.65 16.96 -2.97
CA ILE A 236 -10.02 16.45 -2.95
C ILE A 236 -10.02 14.96 -2.58
N LYS A 237 -8.99 14.22 -2.96
CA LYS A 237 -8.92 12.81 -2.57
C LYS A 237 -8.57 12.65 -1.09
N LEU A 238 -7.73 13.53 -0.55
CA LEU A 238 -7.45 13.47 0.88
C LEU A 238 -8.68 13.81 1.70
N ALA A 239 -9.50 14.75 1.23
CA ALA A 239 -10.73 15.10 1.93
C ALA A 239 -11.72 13.94 1.90
N TYR A 240 -11.79 13.24 0.77
CA TYR A 240 -12.59 12.02 0.69
C TYR A 240 -12.17 11.02 1.76
N LEU A 241 -10.85 10.78 1.87
CA LEU A 241 -10.36 9.83 2.86
C LEU A 241 -10.67 10.27 4.27
N ALA A 242 -10.48 11.55 4.57
CA ALA A 242 -10.77 12.06 5.91
C ALA A 242 -12.23 11.79 6.28
N ALA A 243 -13.15 12.15 5.39
CA ALA A 243 -14.57 11.88 5.64
C ALA A 243 -14.84 10.39 5.75
N ALA A 244 -14.25 9.59 4.86
CA ALA A 244 -14.47 8.16 4.88
C ALA A 244 -14.06 7.55 6.21
N VAL A 245 -12.84 7.83 6.65
CA VAL A 245 -12.36 7.30 7.93
C VAL A 245 -13.23 7.81 9.07
N ALA A 246 -13.54 9.12 9.06
CA ALA A 246 -14.42 9.66 10.08
C ALA A 246 -15.79 9.02 10.03
N ALA A 247 -16.29 8.69 8.84
CA ALA A 247 -17.59 8.05 8.73
C ALA A 247 -17.55 6.63 9.25
N TRP A 248 -16.50 5.86 8.92
CA TRP A 248 -16.43 4.48 9.39
C TRP A 248 -16.24 4.39 10.90
N ILE A 249 -15.59 5.38 11.52
CA ILE A 249 -15.44 5.35 12.96
C ILE A 249 -16.77 5.64 13.64
N ILE A 250 -17.46 6.70 13.20
CA ILE A 250 -18.68 7.13 13.87
C ILE A 250 -19.79 6.09 13.70
N THR A 251 -19.95 5.54 12.49
CA THR A 251 -21.06 4.64 12.24
C THR A 251 -20.87 3.26 12.86
N THR A 252 -19.67 2.94 13.33
CA THR A 252 -19.38 1.63 13.93
C THR A 252 -19.00 1.72 15.40
N ASP A 253 -18.17 2.69 15.78
CA ASP A 253 -17.78 2.85 17.17
C ASP A 253 -18.52 3.99 17.88
N GLY A 254 -19.09 4.93 17.16
CA GLY A 254 -19.73 6.06 17.81
C GLY A 254 -18.78 7.23 17.87
N ASP A 255 -18.96 8.14 18.81
CA ASP A 255 -18.09 9.30 18.88
C ASP A 255 -18.00 9.85 20.30
N ASP A 256 -16.79 10.19 20.71
CA ASP A 256 -16.55 10.94 21.92
C ASP A 256 -16.20 12.38 21.54
N GLU A 257 -15.72 13.15 22.52
CA GLU A 257 -15.35 14.52 22.21
C GLU A 257 -14.15 14.58 21.27
N GLU A 258 -13.31 13.54 21.29
CA GLU A 258 -12.15 13.51 20.40
C GLU A 258 -12.56 13.21 18.96
N ILE A 259 -13.50 12.29 18.77
CA ILE A 259 -13.90 11.89 17.42
C ILE A 259 -14.71 12.99 16.76
N VAL A 260 -15.58 13.67 17.50
CA VAL A 260 -16.36 14.74 16.90
C VAL A 260 -15.46 15.89 16.48
N GLU A 261 -14.38 16.15 17.23
CA GLU A 261 -13.43 17.19 16.83
C GLU A 261 -12.82 16.88 15.48
N LEU A 262 -12.30 15.66 15.31
CA LEU A 262 -11.69 15.26 14.04
C LEU A 262 -12.74 15.20 12.94
N ALA A 263 -13.97 14.78 13.27
CA ALA A 263 -15.02 14.73 12.25
C ALA A 263 -15.37 16.12 11.75
N LYS A 264 -15.52 17.09 12.66
CA LYS A 264 -15.82 18.46 12.25
C LYS A 264 -14.72 19.01 11.36
N GLU A 265 -13.46 18.82 11.73
CA GLU A 265 -12.35 19.28 10.89
C GLU A 265 -12.40 18.62 9.52
N ALA A 266 -12.66 17.32 9.48
CA ALA A 266 -12.78 16.62 8.19
C ALA A 266 -13.98 17.13 7.41
N LEU A 267 -15.06 17.49 8.12
CA LEU A 267 -16.27 17.95 7.45
C LEU A 267 -16.04 19.28 6.74
N LYS A 268 -15.37 20.22 7.41
CA LYS A 268 -15.03 21.48 6.77
C LYS A 268 -14.01 21.28 5.65
N LEU A 269 -13.22 20.22 5.73
CA LEU A 269 -12.29 19.90 4.64
C LEU A 269 -13.05 19.40 3.42
N VAL A 270 -14.12 18.63 3.63
CA VAL A 270 -14.87 18.06 2.51
C VAL A 270 -15.67 19.14 1.81
N LYS A 271 -16.29 20.06 2.57
CA LYS A 271 -17.03 21.16 1.97
C LYS A 271 -16.13 22.03 1.11
N GLU A 272 -14.86 22.19 1.50
CA GLU A 272 -13.94 22.95 0.67
C GLU A 272 -13.54 22.15 -0.57
N ALA A 273 -13.36 20.84 -0.42
CA ALA A 273 -13.01 20.01 -1.57
C ALA A 273 -14.20 19.79 -2.49
N ALA A 274 -15.41 19.73 -1.94
CA ALA A 274 -16.60 19.63 -2.78
C ALA A 274 -16.78 20.88 -3.63
N GLU A 275 -16.32 22.03 -3.13
CA GLU A 275 -16.32 23.24 -3.94
C GLU A 275 -15.25 23.16 -5.02
N GLU A 276 -14.07 22.64 -4.69
CA GLU A 276 -12.97 22.57 -5.65
C GLU A 276 -13.22 21.52 -6.72
N ALA A 277 -13.91 20.43 -6.37
CA ALA A 277 -14.20 19.38 -7.34
C ALA A 277 -15.29 19.81 -8.31
N GLU A 278 -16.26 20.61 -7.86
CA GLU A 278 -17.30 21.08 -8.76
C GLU A 278 -16.75 22.14 -9.71
N LYS A 279 -15.76 22.92 -9.25
CA LYS A 279 -15.05 23.83 -10.15
C LYS A 279 -14.30 23.05 -11.22
N GLN A 280 -13.45 22.11 -10.80
CA GLN A 280 -12.66 21.32 -11.74
C GLN A 280 -13.56 20.43 -12.59
N GLY A 281 -14.74 20.06 -12.08
CA GLY A 281 -15.65 19.25 -12.85
C GLY A 281 -15.42 17.76 -12.68
N ASP A 282 -15.78 17.21 -11.52
CA ASP A 282 -15.67 15.78 -11.23
C ASP A 282 -17.02 15.32 -10.72
N GLU A 283 -17.89 14.89 -11.65
CA GLU A 283 -19.28 14.60 -11.29
C GLU A 283 -19.39 13.48 -10.28
N GLU A 284 -18.57 12.43 -10.42
CA GLU A 284 -18.66 11.29 -9.51
C GLU A 284 -18.14 11.66 -8.13
N LEU A 285 -17.02 12.37 -8.06
CA LEU A 285 -16.48 12.78 -6.76
C LEU A 285 -17.35 13.86 -6.11
N ARG A 286 -17.97 14.73 -6.92
CA ARG A 286 -18.81 15.78 -6.35
C ARG A 286 -19.99 15.19 -5.60
N GLU A 287 -20.62 14.15 -6.16
CA GLU A 287 -21.79 13.55 -5.52
C GLU A 287 -21.42 12.56 -4.42
N LYS A 288 -20.20 12.04 -4.42
CA LYS A 288 -19.77 11.20 -3.30
C LYS A 288 -19.34 12.04 -2.10
N LEU A 289 -18.77 13.22 -2.34
CA LEU A 289 -18.45 14.10 -1.22
C LEU A 289 -19.71 14.66 -0.57
N ARG A 290 -20.76 14.90 -1.35
CA ARG A 290 -22.04 15.30 -0.75
C ARG A 290 -22.63 14.15 0.08
N TYR A 291 -22.51 12.92 -0.42
CA TYR A 291 -22.97 11.77 0.34
C TYR A 291 -22.24 11.68 1.68
N LEU A 292 -20.92 11.85 1.66
CA LEU A 292 -20.15 11.80 2.90
C LEU A 292 -20.52 12.93 3.84
N SER A 293 -20.57 14.17 3.32
CA SER A 293 -20.84 15.31 4.17
C SER A 293 -22.20 15.21 4.83
N GLU A 294 -23.20 14.70 4.11
CA GLU A 294 -24.53 14.55 4.69
C GLU A 294 -24.55 13.42 5.71
N ALA A 295 -23.98 12.26 5.36
CA ALA A 295 -23.99 11.11 6.25
C ALA A 295 -23.27 11.43 7.55
N VAL A 296 -22.18 12.20 7.49
CA VAL A 296 -21.43 12.51 8.70
C VAL A 296 -22.20 13.50 9.57
N ARG A 297 -22.86 14.49 8.95
CA ARG A 297 -23.65 15.44 9.74
C ARG A 297 -24.82 14.75 10.44
N GLU A 298 -25.47 13.81 9.77
CA GLU A 298 -26.62 13.13 10.36
C GLU A 298 -26.22 12.35 11.60
N TRP A 299 -25.05 11.70 11.56
CA TRP A 299 -24.58 10.92 12.69
C TRP A 299 -24.09 11.80 13.84
N ILE A 300 -23.39 12.90 13.52
CA ILE A 300 -22.89 13.78 14.57
C ILE A 300 -24.05 14.46 15.29
N GLU A 301 -25.09 14.84 14.55
CA GLU A 301 -26.18 15.64 15.07
C GLU A 301 -27.37 14.82 15.56
N ARG A 302 -27.15 13.58 16.01
CA ARG A 302 -28.25 12.77 16.51
C ARG A 302 -28.56 13.01 17.98
N ASN A 303 -27.58 13.49 18.76
CA ASN A 303 -27.85 13.93 20.12
C ASN A 303 -28.37 15.36 20.18
N ASP A 304 -28.36 16.07 19.07
CA ASP A 304 -28.84 17.45 19.01
C ASP A 304 -30.36 17.49 19.18
N PRO B 1 19.64 -3.46 -22.02
CA PRO B 1 20.29 -3.41 -20.70
C PRO B 1 19.42 -4.03 -19.60
N LEU B 2 19.87 -3.90 -18.36
CA LEU B 2 19.11 -4.42 -17.24
C LEU B 2 18.18 -3.33 -16.71
N PRO B 3 16.89 -3.62 -16.52
CA PRO B 3 15.94 -2.58 -16.12
C PRO B 3 16.20 -2.13 -14.69
N PRO B 4 15.72 -0.94 -14.32
CA PRO B 4 15.99 -0.43 -12.97
C PRO B 4 15.27 -1.25 -11.91
N LEU B 5 15.64 -0.98 -10.66
CA LEU B 5 14.97 -1.65 -9.55
C LEU B 5 13.49 -1.29 -9.53
N PRO B 6 12.64 -2.21 -9.08
CA PRO B 6 11.19 -1.97 -9.09
C PRO B 6 10.82 -0.69 -8.35
N PRO B 7 10.08 0.21 -9.00
CA PRO B 7 9.65 1.44 -8.33
C PRO B 7 8.46 1.16 -7.41
N LEU B 8 8.06 2.18 -6.67
CA LEU B 8 6.89 2.04 -5.81
C LEU B 8 5.63 1.91 -6.68
N PRO B 9 4.70 1.06 -6.30
CA PRO B 9 3.50 0.81 -7.13
C PRO B 9 2.53 1.97 -7.00
N PRO B 10 1.58 2.09 -7.93
CA PRO B 10 0.56 3.13 -7.80
C PRO B 10 -0.28 2.91 -6.55
N LEU B 11 -0.94 3.98 -6.14
CA LEU B 11 -1.78 3.94 -4.95
C LEU B 11 -3.00 3.05 -5.19
N PRO B 12 -3.51 2.40 -4.14
CA PRO B 12 -4.72 1.58 -4.28
C PRO B 12 -5.95 2.45 -4.50
N PRO B 13 -7.04 1.86 -4.99
CA PRO B 13 -8.26 2.65 -5.20
C PRO B 13 -8.80 3.22 -3.91
N LEU B 14 -9.76 4.13 -4.05
CA LEU B 14 -10.42 4.71 -2.89
C LEU B 14 -11.29 3.65 -2.21
N PRO B 15 -11.40 3.68 -0.88
CA PRO B 15 -12.19 2.69 -0.16
C PRO B 15 -13.67 3.00 -0.26
N PRO B 16 -14.54 2.00 -0.05
CA PRO B 16 -15.99 2.25 -0.13
C PRO B 16 -16.48 3.05 1.07
N LEU B 17 -17.74 3.44 1.01
CA LEU B 17 -18.30 4.28 2.06
C LEU B 17 -19.29 3.49 2.92
N PRO B 18 -19.46 3.88 4.19
CA PRO B 18 -20.41 3.14 5.04
C PRO B 18 -21.82 3.30 4.51
N PRO B 19 -22.67 2.27 4.69
CA PRO B 19 -24.05 2.25 4.20
C PRO B 19 -24.85 3.48 4.61
#